data_3LLA
#
_entry.id   3LLA
#
_cell.length_a   83.075
_cell.length_b   109.808
_cell.length_c   79.626
_cell.angle_alpha   90.00
_cell.angle_beta   90.00
_cell.angle_gamma   90.00
#
_symmetry.space_group_name_H-M   'P 21 21 2'
#
loop_
_entity.id
_entity.type
_entity.pdbx_description
1 polymer 'Myosin heavy chain kinase A'
2 non-polymer 'ZINC ION'
3 non-polymer 'PHOSPHOMETHYLPHOSPHONIC ACID ADENYLATE ESTER'
4 non-polymer 'PHOSPHATE ION'
5 water water
#
_entity_poly.entity_id   1
_entity_poly.type   'polypeptide(L)'
_entity_poly.pdbx_seq_one_letter_code
;MGGHHHHHHGENLYFQGISSETGEMGILWEFDPIINKWIRLSMKLKVERKPFAEGALREAYHTVSLGVGTDENYPLGTTT
KLFPPIEMISPISKNNEAMTQLKNGTKFVLKLYKKEAEQQASRELYFEDVKMQMVCRDWGNKFNQKKPPKKIEFLMSWVV
ELIDRSPSSNGQPILCSIEPLLVGEFKKNNSNYGAVLTNRSTPQAFSHFTYELSNKQMIVVDIQGVDDLYTDPQIHTPDG
KGFGLGNLGKAGINKFITTHKCNAVCALLDLDVKLGGVLSGNNKKQLQQGTMVMPDILPELMPSDNT
;
_entity_poly.pdbx_strand_id   A,B
#
# COMPACT_ATOMS: atom_id res chain seq x y z
N ILE A 18 14.72 -24.96 8.95
CA ILE A 18 13.56 -25.73 9.49
C ILE A 18 13.87 -27.24 9.62
N SER A 19 14.28 -27.86 8.51
CA SER A 19 14.46 -29.32 8.44
C SER A 19 15.71 -29.61 7.66
N SER A 20 16.68 -30.24 8.32
CA SER A 20 18.05 -30.28 7.82
C SER A 20 18.85 -31.48 8.31
N GLU A 21 19.69 -32.10 7.47
CA GLU A 21 19.91 -31.83 6.01
C GLU A 21 20.89 -30.69 5.66
N THR A 22 21.84 -31.01 4.77
CA THR A 22 23.02 -30.19 4.53
C THR A 22 22.82 -29.00 3.57
N GLY A 23 23.15 -27.80 4.04
CA GLY A 23 23.10 -26.59 3.22
C GLY A 23 23.67 -25.45 4.05
N GLU A 24 23.39 -24.21 3.66
CA GLU A 24 23.88 -23.08 4.44
C GLU A 24 22.75 -22.23 5.05
N MET A 25 23.06 -21.63 6.20
CA MET A 25 22.10 -20.81 6.92
C MET A 25 22.08 -19.39 6.37
N GLY A 26 20.95 -18.72 6.53
CA GLY A 26 20.80 -17.34 6.12
C GLY A 26 19.84 -16.59 7.02
N ILE A 27 20.06 -15.28 7.17
CA ILE A 27 19.06 -14.39 7.75
C ILE A 27 18.18 -13.82 6.62
N LEU A 28 16.87 -14.05 6.70
CA LEU A 28 15.95 -13.73 5.60
C LEU A 28 15.08 -12.52 5.92
N TRP A 29 15.09 -11.54 5.03
CA TRP A 29 14.36 -10.30 5.27
C TRP A 29 13.26 -10.09 4.23
N GLU A 30 12.03 -9.91 4.72
CA GLU A 30 10.87 -9.61 3.87
C GLU A 30 10.32 -8.23 4.21
N PHE A 31 10.06 -7.42 3.20
CA PHE A 31 9.40 -6.15 3.44
C PHE A 31 7.89 -6.26 3.16
N ASP A 32 7.09 -5.82 4.12
CA ASP A 32 5.65 -5.75 3.98
C ASP A 32 5.21 -4.28 3.90
N PRO A 33 4.87 -3.78 2.70
CA PRO A 33 4.50 -2.37 2.49
C PRO A 33 3.28 -1.89 3.30
N ILE A 34 2.31 -2.79 3.51
CA ILE A 34 1.06 -2.39 4.18
C ILE A 34 1.23 -2.06 5.69
N ILE A 35 2.17 -2.71 6.36
CA ILE A 35 2.51 -2.28 7.72
C ILE A 35 3.77 -1.44 7.77
N ASN A 36 4.41 -1.23 6.62
CA ASN A 36 5.65 -0.47 6.53
C ASN A 36 6.74 -1.02 7.46
N LYS A 37 6.93 -2.34 7.49
CA LYS A 37 7.95 -2.97 8.33
C LYS A 37 8.61 -4.12 7.62
N TRP A 38 9.87 -4.34 8.00
CA TRP A 38 10.61 -5.53 7.65
C TRP A 38 10.32 -6.66 8.61
N ILE A 39 10.30 -7.87 8.07
CA ILE A 39 10.04 -9.07 8.84
C ILE A 39 11.32 -9.90 8.76
N ARG A 40 11.89 -10.24 9.91
CA ARG A 40 13.17 -10.94 9.98
C ARG A 40 12.99 -12.40 10.34
N LEU A 41 13.51 -13.26 9.48
CA LEU A 41 13.37 -14.69 9.61
C LEU A 41 14.74 -15.35 9.41
N SER A 42 14.78 -16.67 9.49
CA SER A 42 15.96 -17.40 9.02
C SER A 42 15.53 -18.40 7.96
N MET A 43 16.48 -18.90 7.17
CA MET A 43 16.20 -20.02 6.29
C MET A 43 17.45 -20.87 6.07
N LYS A 44 17.25 -22.05 5.52
CA LYS A 44 18.36 -22.83 5.01
C LYS A 44 18.20 -23.00 3.50
N LEU A 45 19.31 -22.87 2.80
CA LEU A 45 19.27 -23.00 1.36
C LEU A 45 20.48 -23.75 0.86
N LYS A 46 20.35 -24.36 -0.31
CA LYS A 46 21.47 -24.98 -0.98
C LYS A 46 21.61 -24.40 -2.39
N VAL A 47 22.75 -23.74 -2.63
CA VAL A 47 22.95 -23.02 -3.88
C VAL A 47 23.96 -23.75 -4.79
N GLU A 48 23.69 -23.76 -6.10
CA GLU A 48 24.64 -24.34 -7.05
C GLU A 48 25.93 -23.51 -7.09
N ARG A 49 27.04 -24.19 -7.40
CA ARG A 49 28.36 -23.56 -7.36
C ARG A 49 28.54 -22.57 -8.49
N LYS A 50 27.97 -22.89 -9.65
CA LYS A 50 28.08 -22.02 -10.83
C LYS A 50 26.77 -21.29 -11.16
N PRO A 51 26.86 -20.04 -11.68
CA PRO A 51 25.65 -19.31 -12.07
C PRO A 51 25.06 -19.81 -13.39
N PHE A 52 23.75 -19.64 -13.56
CA PHE A 52 23.06 -20.05 -14.80
C PHE A 52 22.76 -18.87 -15.74
N ALA A 53 23.01 -17.66 -15.26
CA ALA A 53 22.82 -16.47 -16.07
C ALA A 53 23.50 -15.28 -15.42
N GLU A 54 23.82 -14.27 -16.21
CA GLU A 54 24.37 -13.03 -15.68
C GLU A 54 23.86 -11.82 -16.45
N GLY A 55 23.98 -10.66 -15.81
CA GLY A 55 23.67 -9.39 -16.47
C GLY A 55 24.83 -8.44 -16.29
N ALA A 56 24.60 -7.16 -16.55
CA ALA A 56 25.63 -6.14 -16.39
C ALA A 56 26.23 -6.12 -14.97
N LEU A 57 25.43 -6.46 -13.96
CA LEU A 57 25.81 -6.26 -12.56
C LEU A 57 25.92 -7.53 -11.70
N ARG A 58 25.02 -8.49 -11.92
CA ARG A 58 24.89 -9.62 -10.98
C ARG A 58 24.92 -10.97 -11.69
N GLU A 59 25.22 -12.02 -10.94
CA GLU A 59 25.05 -13.38 -11.45
C GLU A 59 23.95 -14.09 -10.66
N ALA A 60 23.18 -14.92 -11.36
CA ALA A 60 22.02 -15.58 -10.78
C ALA A 60 22.29 -17.07 -10.66
N TYR A 61 21.84 -17.66 -9.56
CA TYR A 61 22.19 -19.03 -9.19
C TYR A 61 20.96 -19.84 -8.84
N HIS A 62 20.81 -21.04 -9.41
CA HIS A 62 19.73 -21.92 -8.96
C HIS A 62 19.94 -22.28 -7.50
N THR A 63 18.85 -22.26 -6.73
CA THR A 63 18.94 -22.58 -5.31
C THR A 63 17.74 -23.42 -4.92
N VAL A 64 17.91 -24.32 -3.95
CA VAL A 64 16.79 -25.04 -3.37
C VAL A 64 16.61 -24.63 -1.91
N SER A 65 15.37 -24.43 -1.48
CA SER A 65 15.10 -24.13 -0.07
C SER A 65 15.12 -25.38 0.81
N LEU A 66 15.73 -25.24 1.99
CA LEU A 66 15.69 -26.28 3.00
C LEU A 66 14.89 -25.78 4.21
N GLY A 67 13.89 -24.94 3.92
CA GLY A 67 12.94 -24.46 4.93
C GLY A 67 13.21 -23.08 5.48
N VAL A 68 12.15 -22.46 6.00
CA VAL A 68 12.17 -21.13 6.57
C VAL A 68 11.80 -21.25 8.06
N GLY A 69 12.52 -20.55 8.92
CA GLY A 69 12.21 -20.57 10.35
C GLY A 69 12.32 -19.19 10.95
N THR A 70 12.32 -19.12 12.28
CA THR A 70 12.41 -17.86 13.00
C THR A 70 13.86 -17.36 13.11
N ASP A 71 14.02 -16.09 13.47
CA ASP A 71 15.34 -15.48 13.66
C ASP A 71 15.83 -15.52 15.13
N GLU A 72 15.14 -16.26 15.99
CA GLU A 72 15.40 -16.24 17.44
C GLU A 72 16.82 -16.64 17.88
N ASN A 73 17.47 -17.58 17.16
CA ASN A 73 18.86 -17.96 17.50
C ASN A 73 19.93 -16.94 17.09
N TYR A 74 19.52 -15.87 16.40
CA TYR A 74 20.45 -14.91 15.82
C TYR A 74 20.17 -13.46 16.24
N PRO A 75 20.49 -13.12 17.51
CA PRO A 75 20.15 -11.82 18.10
C PRO A 75 20.64 -10.64 17.26
N LEU A 76 19.81 -9.61 17.22
CA LEU A 76 20.06 -8.44 16.39
C LEU A 76 21.23 -7.55 16.85
N GLY A 77 21.44 -7.43 18.15
CA GLY A 77 22.34 -6.42 18.70
C GLY A 77 21.71 -5.72 19.90
N THR A 78 21.74 -4.39 19.95
CA THR A 78 22.31 -3.51 18.93
C THR A 78 23.43 -2.63 19.53
N THR A 79 23.95 -1.70 18.72
CA THR A 79 25.03 -0.76 19.07
C THR A 79 26.41 -1.42 19.12
N LYS A 81 22.52 1.23 16.72
CA LYS A 81 22.40 1.71 15.35
C LYS A 81 21.57 0.74 14.47
N LEU A 82 22.23 0.00 13.57
CA LEU A 82 21.61 -1.08 12.79
C LEU A 82 20.81 -0.63 11.56
N PHE A 83 20.96 -1.36 10.46
CA PHE A 83 20.12 -1.18 9.27
C PHE A 83 19.46 -2.49 8.78
N PRO A 84 18.13 -2.49 8.60
CA PRO A 84 17.18 -1.38 8.82
C PRO A 84 17.11 -1.06 10.31
N PRO A 85 16.74 0.19 10.67
CA PRO A 85 16.70 0.55 12.09
C PRO A 85 15.58 -0.20 12.83
N ILE A 86 15.74 -0.34 14.15
CA ILE A 86 14.82 -1.13 14.99
C ILE A 86 13.34 -0.77 14.83
N GLU A 87 13.05 0.52 14.64
CA GLU A 87 11.68 1.01 14.47
C GLU A 87 11.04 0.59 13.13
N MET A 88 11.87 0.13 12.19
CA MET A 88 11.39 -0.35 10.90
C MET A 88 11.21 -1.87 10.86
N ILE A 89 11.38 -2.53 12.01
CA ILE A 89 11.34 -3.99 12.08
C ILE A 89 10.12 -4.41 12.87
N SER A 90 9.36 -5.37 12.34
CA SER A 90 8.20 -5.90 13.04
C SER A 90 8.66 -6.77 14.21
N PRO A 91 8.03 -6.61 15.40
CA PRO A 91 8.35 -7.48 16.55
C PRO A 91 7.78 -8.89 16.36
N ILE A 92 6.83 -9.03 15.44
CA ILE A 92 6.17 -10.33 15.16
C ILE A 92 6.41 -10.71 13.69
N SER A 93 6.74 -11.98 13.48
CA SER A 93 7.16 -12.50 12.19
C SER A 93 6.43 -13.78 11.80
N LYS A 94 5.35 -14.09 12.50
CA LYS A 94 4.59 -15.32 12.31
C LYS A 94 3.98 -15.44 10.89
N ASN A 95 3.53 -14.34 10.33
CA ASN A 95 3.04 -14.34 8.95
C ASN A 95 3.99 -13.62 8.00
N ASN A 96 4.10 -14.16 6.79
CA ASN A 96 5.02 -13.69 5.75
C ASN A 96 4.80 -14.55 4.50
N GLU A 97 5.20 -14.03 3.34
CA GLU A 97 5.11 -14.81 2.09
C GLU A 97 6.12 -15.94 2.05
N ALA A 98 7.28 -15.72 2.68
CA ALA A 98 8.43 -16.64 2.60
C ALA A 98 8.09 -18.07 3.02
N MET A 99 7.23 -18.20 4.02
CA MET A 99 6.89 -19.51 4.56
C MET A 99 6.11 -20.39 3.55
N THR A 100 5.36 -19.78 2.64
CA THR A 100 4.79 -20.58 1.55
C THR A 100 5.68 -20.57 0.29
N GLN A 101 6.08 -19.39 -0.18
CA GLN A 101 6.84 -19.29 -1.45
C GLN A 101 8.28 -19.85 -1.39
N LEU A 102 8.80 -20.05 -0.19
CA LEU A 102 10.16 -20.61 -0.04
C LEU A 102 10.18 -21.83 0.86
N LYS A 103 9.05 -22.54 0.94
CA LYS A 103 8.98 -23.77 1.71
C LYS A 103 10.02 -24.79 1.24
N ASN A 104 10.38 -25.69 2.14
CA ASN A 104 11.33 -26.75 1.84
C ASN A 104 11.04 -27.42 0.48
N GLY A 105 12.05 -27.52 -0.36
CA GLY A 105 11.91 -28.09 -1.68
C GLY A 105 11.74 -27.09 -2.81
N THR A 106 11.46 -25.83 -2.48
CA THR A 106 11.28 -24.81 -3.52
C THR A 106 12.56 -24.51 -4.29
N LYS A 107 12.46 -24.49 -5.62
CA LYS A 107 13.53 -24.03 -6.49
C LYS A 107 13.40 -22.51 -6.67
N PHE A 108 14.47 -21.78 -6.39
CA PHE A 108 14.44 -20.32 -6.53
C PHE A 108 15.76 -19.76 -7.05
N VAL A 109 15.88 -18.44 -7.07
CA VAL A 109 17.05 -17.78 -7.63
C VAL A 109 17.76 -16.94 -6.57
N LEU A 110 19.07 -17.08 -6.52
CA LEU A 110 19.90 -16.25 -5.66
C LEU A 110 20.74 -15.39 -6.59
N LYS A 111 20.84 -14.10 -6.26
CA LYS A 111 21.62 -13.16 -7.06
C LYS A 111 22.72 -12.52 -6.22
N LEU A 112 23.95 -12.55 -6.74
CA LEU A 112 25.10 -11.95 -6.10
C LEU A 112 25.73 -10.92 -7.01
N TYR A 113 26.19 -9.82 -6.44
CA TYR A 113 26.88 -8.80 -7.23
C TYR A 113 28.23 -9.30 -7.72
N LYS A 114 28.54 -8.99 -8.98
CA LYS A 114 29.86 -9.27 -9.56
C LYS A 114 30.90 -8.28 -9.02
N LYS A 115 32.18 -8.55 -9.29
CA LYS A 115 33.28 -7.68 -8.81
C LYS A 115 33.35 -6.37 -9.58
N GLU A 118 30.93 -6.13 -5.28
CA GLU A 118 31.04 -4.82 -5.92
C GLU A 118 31.11 -3.71 -4.87
N GLN A 119 32.01 -2.75 -5.10
CA GLN A 119 32.26 -1.66 -4.17
C GLN A 119 31.18 -0.57 -4.20
N GLN A 120 30.31 -0.63 -5.21
CA GLN A 120 29.14 0.26 -5.29
C GLN A 120 27.99 -0.22 -4.41
N ALA A 121 27.99 -1.52 -4.13
CA ALA A 121 27.02 -2.11 -3.21
C ALA A 121 27.29 -1.74 -1.74
N SER A 122 26.23 -1.55 -0.98
CA SER A 122 26.31 -1.33 0.45
C SER A 122 25.14 -2.09 1.05
N ARG A 123 25.21 -2.38 2.36
CA ARG A 123 24.11 -3.07 3.04
C ARG A 123 22.76 -2.40 2.70
N GLU A 124 22.75 -1.07 2.77
CA GLU A 124 21.56 -0.24 2.60
C GLU A 124 20.92 -0.42 1.22
N LEU A 125 21.75 -0.61 0.18
CA LEU A 125 21.29 -0.85 -1.19
C LEU A 125 20.53 -2.17 -1.42
N TYR A 126 20.94 -3.25 -0.74
CA TYR A 126 20.22 -4.53 -0.82
C TYR A 126 18.76 -4.35 -0.37
N PHE A 127 18.58 -3.69 0.78
CA PHE A 127 17.26 -3.35 1.31
C PHE A 127 16.46 -2.35 0.46
N GLU A 128 17.11 -1.29 -0.03
CA GLU A 128 16.47 -0.35 -0.97
C GLU A 128 15.91 -1.08 -2.19
N ASP A 129 16.70 -2.02 -2.72
CA ASP A 129 16.37 -2.73 -3.94
C ASP A 129 15.17 -3.66 -3.73
N VAL A 130 15.13 -4.33 -2.57
CA VAL A 130 14.03 -5.23 -2.25
C VAL A 130 12.75 -4.42 -1.94
N LYS A 131 12.88 -3.34 -1.18
CA LYS A 131 11.73 -2.46 -0.93
C LYS A 131 11.18 -1.95 -2.26
N MET A 132 12.07 -1.53 -3.15
CA MET A 132 11.67 -1.03 -4.46
C MET A 132 10.83 -2.07 -5.18
N GLN A 133 11.30 -3.32 -5.18
CA GLN A 133 10.54 -4.36 -5.84
C GLN A 133 9.14 -4.53 -5.20
N MET A 134 9.07 -4.40 -3.87
CA MET A 134 7.78 -4.49 -3.18
C MET A 134 6.82 -3.34 -3.54
N VAL A 135 7.38 -2.16 -3.75
CA VAL A 135 6.62 -0.99 -4.17
C VAL A 135 6.02 -1.21 -5.57
N CYS A 136 6.82 -1.74 -6.48
CA CYS A 136 6.37 -2.04 -7.85
C CYS A 136 5.29 -3.11 -7.81
N ARG A 137 5.44 -4.08 -6.91
CA ARG A 137 4.42 -5.10 -6.70
C ARG A 137 3.07 -4.50 -6.35
N ASP A 138 3.04 -3.50 -5.46
CA ASP A 138 1.79 -2.79 -5.14
C ASP A 138 1.22 -2.07 -6.37
N TRP A 139 2.12 -1.49 -7.18
CA TRP A 139 1.71 -0.82 -8.42
C TRP A 139 1.09 -1.79 -9.42
N GLY A 140 1.67 -2.99 -9.51
CA GLY A 140 1.09 -4.09 -10.30
C GLY A 140 -0.34 -4.45 -9.92
N ASN A 141 -0.61 -4.56 -8.60
CA ASN A 141 -1.98 -4.76 -8.10
C ASN A 141 -2.95 -3.63 -8.44
N LYS A 142 -2.47 -2.39 -8.33
CA LYS A 142 -3.29 -1.23 -8.64
C LYS A 142 -3.64 -1.21 -10.13
N PHE A 143 -2.67 -1.50 -10.99
CA PHE A 143 -2.87 -1.68 -12.43
C PHE A 143 -3.94 -2.77 -12.73
N ASN A 144 -3.74 -3.99 -12.20
CA ASN A 144 -4.68 -5.11 -12.35
C ASN A 144 -6.12 -4.79 -11.96
N GLN A 145 -6.28 -3.93 -10.95
CA GLN A 145 -7.59 -3.49 -10.48
C GLN A 145 -8.42 -2.66 -11.48
N LYS A 146 -7.77 -2.09 -12.49
CA LYS A 146 -8.49 -1.34 -13.52
C LYS A 146 -8.93 -2.30 -14.63
N LYS A 147 -8.57 -3.57 -14.47
CA LYS A 147 -9.02 -4.69 -15.32
C LYS A 147 -8.53 -4.66 -16.78
N PRO A 148 -7.19 -4.68 -16.97
CA PRO A 148 -6.59 -4.61 -18.31
C PRO A 148 -6.58 -5.98 -19.00
N PRO A 149 -6.41 -6.00 -20.33
CA PRO A 149 -6.45 -7.26 -21.08
C PRO A 149 -5.51 -8.31 -20.49
N LYS A 150 -4.32 -7.88 -20.12
CA LYS A 150 -3.35 -8.72 -19.45
C LYS A 150 -3.00 -8.10 -18.10
N LYS A 151 -3.35 -8.82 -17.03
CA LYS A 151 -2.94 -8.50 -15.66
C LYS A 151 -1.45 -8.66 -15.60
N ILE A 152 -0.83 -7.96 -14.66
CA ILE A 152 0.62 -8.05 -14.47
C ILE A 152 0.91 -8.39 -13.01
N GLU A 153 2.13 -8.84 -12.74
CA GLU A 153 2.52 -9.22 -11.40
C GLU A 153 4.04 -9.15 -11.21
N PHE A 154 4.46 -8.51 -10.13
CA PHE A 154 5.87 -8.52 -9.75
C PHE A 154 6.14 -9.60 -8.74
N LEU A 155 7.22 -10.35 -8.97
CA LEU A 155 7.68 -11.37 -8.05
C LEU A 155 8.03 -10.73 -6.69
N MET A 156 7.86 -11.50 -5.62
CA MET A 156 8.45 -11.20 -4.33
C MET A 156 9.95 -11.13 -4.52
N SER A 157 10.62 -10.36 -3.69
CA SER A 157 12.07 -10.44 -3.56
C SER A 157 12.43 -10.33 -2.06
N TRP A 158 13.60 -10.81 -1.66
CA TRP A 158 14.01 -10.85 -0.24
C TRP A 158 15.50 -10.59 -0.13
N VAL A 159 15.93 -10.01 0.99
CA VAL A 159 17.37 -9.88 1.27
C VAL A 159 17.76 -11.09 2.11
N VAL A 160 18.88 -11.71 1.76
CA VAL A 160 19.44 -12.79 2.57
C VAL A 160 20.88 -12.45 3.01
N GLU A 161 21.14 -12.58 4.30
CA GLU A 161 22.50 -12.50 4.83
C GLU A 161 22.98 -13.93 4.86
N LEU A 162 24.01 -14.20 4.07
CA LEU A 162 24.63 -15.51 3.94
C LEU A 162 25.66 -15.67 5.06
N ILE A 163 25.14 -16.00 6.25
CA ILE A 163 25.87 -15.88 7.51
C ILE A 163 26.93 -16.97 7.71
N ASP A 164 26.79 -18.08 6.97
CA ASP A 164 27.78 -19.17 6.99
C ASP A 164 28.98 -18.87 6.08
N ARG A 165 28.87 -17.81 5.27
CA ARG A 165 29.96 -17.43 4.38
C ARG A 165 30.85 -16.42 5.06
N SER A 166 32.15 -16.61 4.91
CA SER A 166 33.08 -15.78 5.64
C SER A 166 33.17 -14.40 5.02
N PRO A 167 33.18 -13.36 5.87
CA PRO A 167 33.33 -12.01 5.34
C PRO A 167 34.63 -11.94 4.56
N SER A 168 34.64 -11.17 3.48
CA SER A 168 35.89 -10.99 2.72
C SER A 168 36.83 -10.06 3.49
N SER A 169 37.91 -9.64 2.84
CA SER A 169 38.95 -8.79 3.43
C SER A 169 38.43 -7.55 4.19
N ASN A 170 37.32 -6.98 3.71
CA ASN A 170 36.80 -5.73 4.26
C ASN A 170 36.07 -5.86 5.59
N GLY A 171 35.76 -7.11 5.98
CA GLY A 171 35.03 -7.38 7.22
C GLY A 171 33.52 -7.33 7.08
N GLN A 172 33.03 -7.10 5.86
CA GLN A 172 31.58 -7.02 5.60
C GLN A 172 30.97 -8.41 5.37
N PRO A 173 29.88 -8.74 6.10
CA PRO A 173 29.18 -10.01 5.85
C PRO A 173 28.68 -10.13 4.40
N ILE A 174 28.48 -11.35 3.92
CA ILE A 174 28.04 -11.56 2.55
C ILE A 174 26.50 -11.42 2.48
N LEU A 175 26.04 -10.52 1.62
CA LEU A 175 24.60 -10.35 1.36
C LEU A 175 24.25 -10.70 -0.09
N CYS A 176 22.98 -11.01 -0.33
CA CYS A 176 22.49 -11.32 -1.67
C CYS A 176 21.02 -10.99 -1.65
N SER A 177 20.37 -11.02 -2.80
CA SER A 177 18.92 -11.07 -2.83
C SER A 177 18.46 -12.36 -3.48
N ILE A 178 17.26 -12.80 -3.08
CA ILE A 178 16.65 -13.99 -3.65
C ILE A 178 15.25 -13.68 -4.17
N GLU A 179 14.74 -14.51 -5.08
CA GLU A 179 13.41 -14.32 -5.67
C GLU A 179 12.92 -15.64 -6.29
N PRO A 180 11.61 -15.75 -6.64
CA PRO A 180 11.20 -17.03 -7.21
C PRO A 180 11.83 -17.28 -8.60
N LEU A 181 11.87 -18.54 -9.01
CA LEU A 181 12.39 -18.89 -10.32
C LEU A 181 11.34 -18.62 -11.39
N LEU A 182 11.71 -17.87 -12.42
CA LEU A 182 10.83 -17.71 -13.57
C LEU A 182 11.09 -18.82 -14.58
N VAL A 183 10.03 -19.44 -15.08
CA VAL A 183 10.15 -20.51 -16.07
C VAL A 183 9.63 -20.03 -17.42
N GLY A 184 10.50 -20.04 -18.43
CA GLY A 184 10.14 -19.59 -19.77
C GLY A 184 11.20 -18.67 -20.33
N GLU A 185 10.85 -17.98 -21.42
CA GLU A 185 11.75 -17.05 -22.07
C GLU A 185 11.72 -15.67 -21.37
N PHE A 186 12.88 -15.27 -20.85
CA PHE A 186 13.04 -14.01 -20.12
C PHE A 186 13.30 -12.87 -21.08
N LYS A 187 12.43 -11.87 -21.05
CA LYS A 187 12.52 -10.72 -21.96
C LYS A 187 12.51 -9.38 -21.22
N LYS A 188 13.32 -8.45 -21.71
CA LYS A 188 13.31 -7.08 -21.22
C LYS A 188 12.55 -6.19 -22.19
N ASN A 189 11.53 -5.50 -21.68
CA ASN A 189 10.59 -4.71 -22.49
C ASN A 189 10.88 -3.21 -22.58
N ASN A 190 11.27 -2.61 -21.47
CA ASN A 190 11.95 -1.31 -21.51
C ASN A 190 13.16 -1.28 -20.59
N SER A 191 14.06 -0.31 -20.77
CA SER A 191 15.19 -0.12 -19.86
C SER A 191 14.90 1.01 -18.85
N ASN A 192 15.87 1.35 -18.01
CA ASN A 192 15.75 2.50 -17.09
C ASN A 192 16.23 3.82 -17.72
N TYR A 193 16.44 3.80 -19.03
CA TYR A 193 16.86 5.02 -19.71
C TYR A 193 16.33 5.05 -21.16
N GLY A 194 15.05 4.75 -21.30
CA GLY A 194 14.30 5.08 -22.51
C GLY A 194 14.23 4.10 -23.67
N ALA A 195 14.91 2.96 -23.56
CA ALA A 195 14.83 1.94 -24.59
C ALA A 195 13.47 1.22 -24.54
N VAL A 196 12.88 1.03 -25.72
CA VAL A 196 11.67 0.22 -25.88
C VAL A 196 12.11 -1.02 -26.66
N LEU A 197 12.32 -2.14 -25.97
CA LEU A 197 12.99 -3.29 -26.56
C LEU A 197 12.08 -4.40 -27.13
N THR A 198 10.76 -4.31 -26.93
CA THR A 198 9.82 -5.23 -27.57
C THR A 198 8.57 -4.46 -27.98
N ASN A 199 7.73 -5.09 -28.81
CA ASN A 199 6.54 -4.38 -29.28
C ASN A 199 5.30 -4.62 -28.42
N ARG A 200 5.47 -5.33 -27.30
CA ARG A 200 4.35 -5.56 -26.38
C ARG A 200 3.84 -4.25 -25.81
N SER A 201 2.53 -4.13 -25.65
CA SER A 201 1.89 -2.90 -25.21
C SER A 201 1.73 -2.76 -23.68
N THR A 202 1.46 -3.87 -23.00
CA THR A 202 1.15 -3.86 -21.57
C THR A 202 2.29 -3.27 -20.74
N PRO A 203 3.55 -3.69 -20.99
CA PRO A 203 4.70 -3.17 -20.23
C PRO A 203 4.89 -1.68 -20.37
N GLN A 204 4.66 -1.15 -21.58
CA GLN A 204 4.76 0.28 -21.84
C GLN A 204 3.59 1.03 -21.26
N ALA A 205 2.40 0.43 -21.31
CA ALA A 205 1.22 1.08 -20.76
C ALA A 205 1.26 1.11 -19.23
N PHE A 206 1.88 0.10 -18.64
CA PHE A 206 2.07 0.04 -17.18
C PHE A 206 3.02 1.15 -16.70
N SER A 207 4.15 1.31 -17.39
CA SER A 207 5.06 2.40 -17.11
C SER A 207 4.33 3.74 -17.17
N HIS A 208 3.62 3.98 -18.28
CA HIS A 208 2.83 5.20 -18.40
C HIS A 208 1.80 5.33 -17.24
N PHE A 209 1.06 4.26 -16.97
CA PHE A 209 0.09 4.26 -15.85
C PHE A 209 0.73 4.68 -14.52
N THR A 210 1.92 4.15 -14.19
CA THR A 210 2.53 4.49 -12.90
C THR A 210 2.85 6.00 -12.85
N TYR A 211 3.26 6.56 -14.00
CA TYR A 211 3.62 7.96 -14.09
C TYR A 211 2.43 8.87 -13.91
N GLU A 212 1.34 8.58 -14.61
CA GLU A 212 0.15 9.40 -14.49
C GLU A 212 -0.57 9.23 -13.15
N LEU A 213 -0.78 7.99 -12.71
CA LEU A 213 -1.58 7.74 -11.50
C LEU A 213 -0.85 8.15 -10.21
N SER A 214 0.47 8.26 -10.27
CA SER A 214 1.27 8.74 -9.13
C SER A 214 1.33 10.27 -9.13
N ASN A 215 0.57 10.91 -10.00
CA ASN A 215 0.68 12.35 -10.20
C ASN A 215 2.13 12.81 -10.46
N LYS A 216 2.85 12.05 -11.28
CA LYS A 216 4.23 12.39 -11.72
C LYS A 216 5.28 12.27 -10.58
N GLN A 217 4.90 11.64 -9.47
CA GLN A 217 5.82 11.43 -8.36
C GLN A 217 6.82 10.33 -8.64
N MET A 218 6.47 9.38 -9.51
CA MET A 218 7.37 8.28 -9.83
C MET A 218 6.99 7.61 -11.13
N ILE A 219 7.89 6.78 -11.63
CA ILE A 219 7.57 5.90 -12.74
C ILE A 219 8.30 4.57 -12.54
N VAL A 220 7.69 3.48 -12.97
CA VAL A 220 8.32 2.18 -12.91
C VAL A 220 8.73 1.80 -14.34
N VAL A 221 10.01 1.54 -14.54
CA VAL A 221 10.55 1.13 -15.85
C VAL A 221 11.41 -0.11 -15.61
N ASP A 222 12.30 -0.46 -16.55
CA ASP A 222 13.01 -1.74 -16.51
C ASP A 222 12.01 -2.92 -16.38
N ILE A 223 10.93 -2.87 -17.15
CA ILE A 223 9.88 -3.89 -17.09
C ILE A 223 10.40 -5.11 -17.83
N GLN A 224 10.68 -6.17 -17.08
CA GLN A 224 11.26 -7.37 -17.64
C GLN A 224 10.82 -8.61 -16.88
N GLY A 225 10.87 -9.75 -17.56
CA GLY A 225 10.53 -11.03 -16.94
C GLY A 225 10.05 -12.05 -17.95
N VAL A 226 9.17 -12.94 -17.51
CA VAL A 226 8.58 -13.96 -18.38
C VAL A 226 7.09 -13.71 -18.43
N ASP A 227 6.59 -13.40 -19.64
CA ASP A 227 5.18 -13.04 -19.86
C ASP A 227 4.79 -11.81 -19.06
N ASP A 228 3.68 -11.84 -18.30
CA ASP A 228 3.44 -10.75 -17.36
C ASP A 228 3.76 -11.14 -15.89
N LEU A 229 4.81 -11.92 -15.72
CA LEU A 229 5.41 -12.09 -14.40
C LEU A 229 6.75 -11.35 -14.47
N TYR A 230 6.91 -10.31 -13.65
CA TYR A 230 8.05 -9.38 -13.79
C TYR A 230 8.98 -9.35 -12.60
N THR A 231 10.24 -8.97 -12.85
CA THR A 231 11.24 -8.86 -11.78
C THR A 231 12.30 -7.78 -12.10
N ASP A 232 13.10 -7.43 -11.09
CA ASP A 232 14.17 -6.42 -11.25
C ASP A 232 13.73 -5.12 -11.95
N PRO A 233 12.60 -4.51 -11.49
CA PRO A 233 12.19 -3.23 -12.06
C PRO A 233 13.06 -2.07 -11.54
N GLN A 234 12.85 -0.87 -12.09
CA GLN A 234 13.55 0.32 -11.59
C GLN A 234 12.55 1.47 -11.46
N ILE A 235 12.65 2.21 -10.37
CA ILE A 235 11.85 3.44 -10.21
C ILE A 235 12.68 4.70 -10.36
N HIS A 236 12.18 5.67 -11.14
CA HIS A 236 12.71 7.03 -11.10
C HIS A 236 11.73 7.92 -10.36
N THR A 237 12.28 8.87 -9.61
CA THR A 237 11.50 9.94 -9.01
C THR A 237 12.13 11.28 -9.38
N PRO A 238 11.34 12.37 -9.40
CA PRO A 238 11.87 13.68 -9.77
C PRO A 238 13.09 14.12 -8.94
N ASP A 239 13.13 13.80 -7.65
CA ASP A 239 14.26 14.25 -6.82
C ASP A 239 15.48 13.30 -6.78
N GLY A 240 15.35 12.13 -7.39
CA GLY A 240 16.46 11.16 -7.50
C GLY A 240 16.78 10.38 -6.24
N LYS A 241 16.04 10.66 -5.16
CA LYS A 241 16.35 10.07 -3.85
C LYS A 241 15.73 8.68 -3.66
N GLY A 242 16.51 7.79 -3.03
CA GLY A 242 16.07 6.43 -2.83
C GLY A 242 16.03 5.63 -4.12
N PHE A 243 15.50 4.40 -4.02
CA PHE A 243 15.32 3.49 -5.15
C PHE A 243 16.65 3.11 -5.85
N GLY A 244 17.74 3.22 -5.08
CA GLY A 244 19.04 2.70 -5.47
C GLY A 244 19.77 3.60 -6.42
N LEU A 245 20.85 3.08 -6.99
CA LEU A 245 21.71 3.86 -7.91
C LEU A 245 21.10 4.02 -9.30
N GLY A 246 20.18 3.12 -9.66
CA GLY A 246 19.47 3.19 -10.94
C GLY A 246 18.37 4.25 -11.04
N ASN A 247 18.07 4.93 -9.93
CA ASN A 247 17.14 6.05 -9.98
C ASN A 247 17.84 7.24 -10.67
N LEU A 248 17.42 7.53 -11.90
CA LEU A 248 18.06 8.55 -12.71
C LEU A 248 17.28 9.85 -12.71
N GLY A 249 16.33 9.95 -11.78
CA GLY A 249 15.62 11.20 -11.56
C GLY A 249 14.90 11.73 -12.77
N LYS A 250 14.91 13.06 -12.93
CA LYS A 250 14.24 13.69 -14.07
C LYS A 250 14.75 13.23 -15.43
N ALA A 251 16.05 12.98 -15.53
CA ALA A 251 16.63 12.47 -16.77
C ALA A 251 15.96 11.14 -17.16
N GLY A 252 15.86 10.22 -16.20
CA GLY A 252 15.21 8.92 -16.40
C GLY A 252 13.77 9.04 -16.87
N ILE A 253 13.02 9.92 -16.23
CA ILE A 253 11.61 10.14 -16.53
C ILE A 253 11.45 10.70 -17.94
N ASN A 254 12.15 11.81 -18.21
CA ASN A 254 12.13 12.43 -19.53
C ASN A 254 12.54 11.48 -20.64
N LYS A 255 13.54 10.66 -20.38
CA LYS A 255 13.97 9.66 -21.37
C LYS A 255 12.84 8.69 -21.69
N PHE A 256 12.02 8.35 -20.69
CA PHE A 256 10.83 7.53 -20.96
C PHE A 256 9.82 8.30 -21.81
N ILE A 257 9.62 9.58 -21.50
CA ILE A 257 8.67 10.40 -22.25
C ILE A 257 9.04 10.45 -23.73
N THR A 258 10.33 10.62 -24.04
CA THR A 258 10.79 10.83 -25.42
C THR A 258 10.40 9.64 -26.31
N THR A 259 10.59 8.43 -25.81
CA THR A 259 10.29 7.23 -26.61
C THR A 259 8.91 6.60 -26.43
N HIS A 260 8.07 7.09 -25.52
CA HIS A 260 6.74 6.47 -25.33
C HIS A 260 5.80 6.84 -26.47
N LYS A 261 5.20 5.80 -27.04
CA LYS A 261 4.06 5.93 -27.94
C LYS A 261 2.91 5.26 -27.24
N CYS A 262 1.82 5.99 -27.03
CA CYS A 262 0.64 5.42 -26.39
C CYS A 262 0.03 4.34 -27.28
N ASN A 263 -0.47 3.27 -26.66
CA ASN A 263 -1.03 2.13 -27.39
C ASN A 263 -2.45 1.88 -26.91
N ALA A 264 -3.04 0.77 -27.34
CA ALA A 264 -4.44 0.46 -26.99
C ALA A 264 -4.66 0.26 -25.50
N VAL A 265 -3.67 -0.31 -24.84
CA VAL A 265 -3.73 -0.46 -23.37
C VAL A 265 -3.75 0.93 -22.70
N CYS A 266 -2.86 1.84 -23.10
CA CYS A 266 -2.93 3.24 -22.59
C CYS A 266 -4.31 3.84 -22.77
N ALA A 267 -4.86 3.70 -23.98
CA ALA A 267 -6.16 4.28 -24.30
C ALA A 267 -7.26 3.64 -23.47
N LEU A 268 -7.18 2.32 -23.31
CA LEU A 268 -8.18 1.58 -22.53
C LEU A 268 -8.22 2.02 -21.07
N LEU A 269 -7.06 2.39 -20.54
CA LEU A 269 -6.91 2.90 -19.16
C LEU A 269 -7.16 4.42 -19.04
N ASP A 270 -7.60 5.04 -20.14
CA ASP A 270 -7.91 6.47 -20.16
C ASP A 270 -6.73 7.39 -19.75
N LEU A 271 -5.52 6.98 -20.12
CA LEU A 271 -4.31 7.74 -19.86
C LEU A 271 -4.16 8.88 -20.88
N ASP A 272 -3.67 10.02 -20.40
CA ASP A 272 -3.54 11.20 -21.24
C ASP A 272 -2.38 11.03 -22.22
N VAL A 273 -2.65 11.18 -23.51
CA VAL A 273 -1.56 11.19 -24.53
C VAL A 273 -0.52 12.29 -24.28
N LYS A 274 -0.91 13.34 -23.55
CA LYS A 274 0.07 14.35 -23.08
C LYS A 274 0.67 13.90 -21.76
N LEU A 275 1.99 13.72 -21.72
CA LEU A 275 2.68 13.40 -20.47
C LEU A 275 3.36 14.63 -19.87
N ILE B 18 -17.47 20.25 -13.22
CA ILE B 18 -16.16 20.82 -12.76
C ILE B 18 -16.29 22.26 -12.22
N SER B 19 -17.37 22.52 -11.50
CA SER B 19 -17.76 23.83 -10.94
C SER B 19 -18.82 24.52 -11.80
N SER B 20 -20.07 24.46 -11.33
CA SER B 20 -21.19 25.13 -12.00
C SER B 20 -21.79 26.27 -11.15
N GLU B 21 -23.12 26.27 -10.94
CA GLU B 21 -23.83 27.48 -10.47
C GLU B 21 -24.04 27.80 -8.96
N THR B 22 -25.09 27.28 -8.31
CA THR B 22 -25.47 27.81 -6.98
C THR B 22 -25.28 26.90 -5.74
N GLY B 23 -24.32 27.25 -4.89
CA GLY B 23 -23.99 26.44 -3.70
C GLY B 23 -22.88 27.09 -2.90
N GLU B 24 -22.13 26.29 -2.14
CA GLU B 24 -20.97 26.81 -1.42
C GLU B 24 -19.67 26.13 -1.83
N MET B 25 -18.57 26.88 -1.72
CA MET B 25 -17.26 26.39 -2.12
C MET B 25 -16.56 25.65 -1.00
N GLY B 26 -15.67 24.75 -1.37
CA GLY B 26 -14.87 23.99 -0.42
C GLY B 26 -13.48 23.64 -0.94
N ILE B 27 -12.50 23.63 -0.02
CA ILE B 27 -11.19 23.02 -0.29
C ILE B 27 -11.34 21.54 0.03
N LEU B 28 -10.99 20.69 -0.93
CA LEU B 28 -11.19 19.27 -0.83
C LEU B 28 -9.83 18.56 -0.75
N TRP B 29 -9.66 17.71 0.26
CA TRP B 29 -8.39 16.96 0.46
C TRP B 29 -8.57 15.46 0.30
N GLU B 30 -7.78 14.88 -0.58
CA GLU B 30 -7.83 13.46 -0.82
C GLU B 30 -6.47 12.88 -0.42
N PHE B 31 -6.48 11.74 0.28
CA PHE B 31 -5.23 11.04 0.61
C PHE B 31 -4.97 9.87 -0.32
N ASP B 32 -3.76 9.79 -0.85
CA ASP B 32 -3.34 8.70 -1.73
C ASP B 32 -2.20 7.90 -1.09
N PRO B 33 -2.52 6.73 -0.51
CA PRO B 33 -1.56 5.93 0.25
C PRO B 33 -0.37 5.44 -0.57
N ILE B 34 -0.57 5.21 -1.87
CA ILE B 34 0.51 4.65 -2.70
C ILE B 34 1.65 5.62 -3.00
N ILE B 35 1.39 6.93 -2.99
CA ILE B 35 2.46 7.94 -3.00
C ILE B 35 2.64 8.65 -1.64
N ASN B 36 1.79 8.31 -0.67
CA ASN B 36 1.85 8.86 0.70
C ASN B 36 1.76 10.37 0.71
N LYS B 37 0.82 10.91 -0.06
CA LYS B 37 0.64 12.34 -0.15
C LYS B 37 -0.83 12.70 -0.19
N TRP B 38 -1.12 13.89 0.33
CA TRP B 38 -2.43 14.52 0.19
C TRP B 38 -2.50 15.28 -1.12
N ILE B 39 -3.70 15.26 -1.70
CA ILE B 39 -3.99 15.95 -2.93
C ILE B 39 -5.04 16.98 -2.58
N ARG B 40 -4.77 18.22 -2.93
CA ARG B 40 -5.60 19.33 -2.53
C ARG B 40 -6.32 19.84 -3.76
N LEU B 41 -7.65 19.90 -3.64
CA LEU B 41 -8.53 20.29 -4.72
C LEU B 41 -9.51 21.33 -4.20
N SER B 42 -10.41 21.80 -5.06
CA SER B 42 -11.55 22.56 -4.58
C SER B 42 -12.82 21.89 -5.08
N MET B 43 -13.94 22.18 -4.44
CA MET B 43 -15.24 21.75 -4.98
C MET B 43 -16.36 22.72 -4.62
N LYS B 44 -17.46 22.61 -5.34
CA LYS B 44 -18.68 23.32 -4.98
C LYS B 44 -19.73 22.31 -4.57
N LEU B 45 -20.43 22.60 -3.47
CA LEU B 45 -21.46 21.69 -2.98
C LEU B 45 -22.71 22.39 -2.47
N LYS B 46 -23.80 21.63 -2.43
CA LYS B 46 -25.07 22.12 -1.91
C LYS B 46 -25.56 21.14 -0.84
N VAL B 47 -25.50 21.56 0.41
CA VAL B 47 -25.81 20.69 1.53
C VAL B 47 -27.20 21.01 2.07
N GLU B 48 -27.96 19.96 2.35
CA GLU B 48 -29.30 20.12 2.93
C GLU B 48 -29.23 20.75 4.32
N ARG B 49 -30.29 21.47 4.68
CA ARG B 49 -30.35 22.24 5.91
C ARG B 49 -30.33 21.33 7.13
N LYS B 50 -31.00 20.19 7.02
CA LYS B 50 -31.20 19.30 8.16
C LYS B 50 -30.54 17.94 7.95
N PRO B 51 -30.01 17.34 9.03
CA PRO B 51 -29.40 16.01 8.93
C PRO B 51 -30.45 14.92 8.69
N PHE B 52 -30.08 13.86 7.97
CA PHE B 52 -30.97 12.73 7.76
C PHE B 52 -30.68 11.59 8.73
N ALA B 53 -29.54 11.65 9.40
CA ALA B 53 -29.13 10.65 10.39
C ALA B 53 -28.09 11.22 11.34
N GLU B 54 -27.83 10.50 12.44
CA GLU B 54 -26.79 10.86 13.38
C GLU B 54 -26.31 9.68 14.21
N GLY B 55 -25.22 9.87 14.93
CA GLY B 55 -24.69 8.89 15.87
C GLY B 55 -24.25 9.63 17.12
N ALA B 56 -23.39 8.99 17.90
CA ALA B 56 -22.93 9.56 19.16
C ALA B 56 -22.11 10.84 18.97
N LEU B 57 -21.47 10.98 17.81
CA LEU B 57 -20.50 12.07 17.60
C LEU B 57 -20.80 13.03 16.45
N ARG B 58 -21.51 12.55 15.43
CA ARG B 58 -21.67 13.29 14.19
C ARG B 58 -23.08 13.25 13.61
N GLU B 59 -23.41 14.28 12.83
CA GLU B 59 -24.67 14.32 12.08
C GLU B 59 -24.35 14.17 10.60
N ALA B 60 -25.13 13.37 9.89
CA ALA B 60 -24.92 13.16 8.46
C ALA B 60 -25.95 13.91 7.61
N TYR B 61 -25.46 14.67 6.64
CA TYR B 61 -26.30 15.51 5.79
C TYR B 61 -26.26 15.08 4.34
N HIS B 62 -27.43 14.99 3.69
CA HIS B 62 -27.49 14.79 2.24
C HIS B 62 -26.88 16.02 1.55
N THR B 63 -26.04 15.77 0.56
CA THR B 63 -25.37 16.84 -0.15
C THR B 63 -25.36 16.47 -1.63
N VAL B 64 -25.33 17.48 -2.49
CA VAL B 64 -25.12 17.27 -3.91
C VAL B 64 -23.89 18.03 -4.37
N SER B 65 -23.14 17.43 -5.29
CA SER B 65 -21.95 18.06 -5.84
C SER B 65 -22.27 18.95 -7.03
N LEU B 66 -21.58 20.09 -7.08
CA LEU B 66 -21.64 20.99 -8.22
C LEU B 66 -20.32 21.00 -8.98
N GLY B 67 -19.51 19.97 -8.79
CA GLY B 67 -18.25 19.82 -9.51
C GLY B 67 -17.00 19.99 -8.68
N VAL B 68 -15.91 19.41 -9.17
CA VAL B 68 -14.61 19.43 -8.52
C VAL B 68 -13.67 20.20 -9.41
N GLY B 69 -12.86 21.07 -8.83
CA GLY B 69 -11.83 21.76 -9.60
C GLY B 69 -10.46 21.66 -8.97
N THR B 70 -9.53 22.48 -9.45
CA THR B 70 -8.21 22.61 -8.86
C THR B 70 -8.27 23.60 -7.69
N ASP B 71 -7.18 23.66 -6.93
CA ASP B 71 -7.08 24.55 -5.79
C ASP B 71 -6.32 25.85 -6.12
N GLU B 72 -6.09 26.13 -7.40
CA GLU B 72 -5.16 27.22 -7.76
C GLU B 72 -5.64 28.62 -7.40
N ASN B 73 -6.96 28.80 -7.23
CA ASN B 73 -7.50 30.07 -6.75
C ASN B 73 -7.37 30.28 -5.25
N TYR B 74 -6.97 29.24 -4.52
CA TYR B 74 -6.90 29.34 -3.06
C TYR B 74 -5.51 29.00 -2.53
N PRO B 75 -4.53 29.90 -2.75
CA PRO B 75 -3.14 29.63 -2.35
C PRO B 75 -3.00 29.28 -0.87
N LEU B 76 -2.13 28.31 -0.58
CA LEU B 76 -1.85 27.92 0.80
C LEU B 76 -1.19 29.03 1.61
N GLY B 77 -0.24 29.73 1.01
CA GLY B 77 0.49 30.78 1.72
C GLY B 77 1.76 30.29 2.40
N THR B 78 1.74 30.26 3.73
CA THR B 78 2.92 29.96 4.55
C THR B 78 2.52 29.14 5.78
N LEU B 82 -0.30 24.78 9.86
CA LEU B 82 -1.52 23.97 9.70
C LEU B 82 -1.26 22.67 8.92
N PHE B 83 -1.71 21.57 9.50
CA PHE B 83 -1.64 20.26 8.86
C PHE B 83 -2.43 20.23 7.53
N PRO B 84 -1.94 19.50 6.52
CA PRO B 84 -0.67 18.78 6.47
C PRO B 84 0.50 19.70 6.10
N PRO B 85 1.73 19.32 6.50
CA PRO B 85 2.91 20.06 6.08
C PRO B 85 3.13 19.96 4.57
N ILE B 86 3.72 20.99 3.98
CA ILE B 86 3.91 21.09 2.53
C ILE B 86 4.53 19.84 1.89
N GLU B 87 5.51 19.23 2.56
CA GLU B 87 6.17 18.05 2.01
C GLU B 87 5.28 16.80 1.98
N MET B 88 4.14 16.83 2.67
CA MET B 88 3.15 15.75 2.58
C MET B 88 2.08 16.04 1.53
N ILE B 89 2.22 17.17 0.83
CA ILE B 89 1.24 17.58 -0.18
C ILE B 89 1.79 17.33 -1.56
N SER B 90 1.03 16.63 -2.39
CA SER B 90 1.36 16.41 -3.78
C SER B 90 1.33 17.73 -4.53
N PRO B 91 2.42 18.06 -5.27
CA PRO B 91 2.39 19.30 -6.05
C PRO B 91 1.44 19.19 -7.25
N ILE B 92 1.20 17.97 -7.73
CA ILE B 92 0.30 17.72 -8.86
C ILE B 92 -1.01 17.05 -8.38
N SER B 93 -2.14 17.52 -8.93
CA SER B 93 -3.47 17.03 -8.55
C SER B 93 -4.31 16.53 -9.73
N LYS B 94 -3.70 16.39 -10.90
CA LYS B 94 -4.41 15.97 -12.11
C LYS B 94 -5.21 14.67 -11.94
N ASN B 95 -4.60 13.69 -11.28
CA ASN B 95 -5.27 12.43 -11.05
C ASN B 95 -5.71 12.27 -9.60
N ASN B 96 -6.99 11.95 -9.44
CA ASN B 96 -7.62 11.77 -8.14
C ASN B 96 -8.98 11.07 -8.31
N GLU B 97 -9.47 10.46 -7.24
CA GLU B 97 -10.76 9.77 -7.26
C GLU B 97 -11.93 10.75 -7.30
N ALA B 98 -11.75 11.91 -6.64
CA ALA B 98 -12.85 12.84 -6.44
C ALA B 98 -13.42 13.37 -7.75
N MET B 99 -12.58 13.47 -8.78
CA MET B 99 -13.04 14.03 -10.05
C MET B 99 -14.09 13.14 -10.75
N THR B 100 -14.02 11.83 -10.58
CA THR B 100 -15.12 10.96 -11.03
C THR B 100 -16.17 10.70 -9.94
N GLN B 101 -15.72 10.39 -8.73
CA GLN B 101 -16.65 10.02 -7.64
C GLN B 101 -17.51 11.16 -7.09
N LEU B 102 -17.06 12.41 -7.25
CA LEU B 102 -17.83 13.58 -6.77
C LEU B 102 -18.16 14.58 -7.89
N LYS B 103 -18.31 14.08 -9.11
CA LYS B 103 -18.62 14.93 -10.27
C LYS B 103 -19.95 15.63 -10.08
N ASN B 104 -20.17 16.68 -10.87
CA ASN B 104 -21.41 17.46 -10.88
C ASN B 104 -22.65 16.54 -10.90
N GLY B 105 -23.54 16.71 -9.92
CA GLY B 105 -24.76 15.92 -9.86
C GLY B 105 -24.76 14.80 -8.83
N THR B 106 -23.57 14.38 -8.38
CA THR B 106 -23.45 13.28 -7.42
C THR B 106 -24.09 13.63 -6.07
N LYS B 107 -24.90 12.70 -5.55
CA LYS B 107 -25.43 12.78 -4.21
C LYS B 107 -24.47 12.06 -3.29
N PHE B 108 -24.07 12.72 -2.21
CA PHE B 108 -23.09 12.16 -1.30
C PHE B 108 -23.39 12.67 0.10
N VAL B 109 -22.58 12.26 1.07
CA VAL B 109 -22.86 12.57 2.46
C VAL B 109 -21.81 13.50 3.06
N LEU B 110 -22.27 14.49 3.82
CA LEU B 110 -21.37 15.34 4.59
C LEU B 110 -21.63 15.16 6.08
N LYS B 111 -20.54 15.03 6.84
CA LYS B 111 -20.64 14.77 8.28
C LYS B 111 -20.00 15.88 9.11
N LEU B 112 -20.75 16.37 10.09
CA LEU B 112 -20.26 17.40 11.02
C LEU B 112 -20.31 16.89 12.45
N TYR B 113 -19.33 17.30 13.24
CA TYR B 113 -19.32 17.01 14.67
C TYR B 113 -20.38 17.81 15.43
N LYS B 114 -21.03 17.16 16.40
CA LYS B 114 -21.93 17.84 17.35
C LYS B 114 -21.11 18.51 18.44
N LYS B 115 -21.81 19.16 19.39
CA LYS B 115 -21.20 19.66 20.62
C LYS B 115 -20.34 20.90 20.40
N GLU B 118 -18.36 20.70 18.05
CA GLU B 118 -17.12 20.20 17.50
C GLU B 118 -16.12 19.74 18.58
N GLN B 119 -16.12 20.42 19.72
CA GLN B 119 -15.04 20.36 20.71
C GLN B 119 -14.57 18.95 21.07
N GLN B 120 -13.24 18.80 21.19
CA GLN B 120 -12.55 17.51 21.14
C GLN B 120 -12.33 17.04 19.69
N ALA B 121 -12.32 18.01 18.77
CA ALA B 121 -11.93 17.81 17.39
C ALA B 121 -10.94 18.91 16.99
N SER B 122 -9.75 18.49 16.59
CA SER B 122 -8.75 19.38 16.05
C SER B 122 -8.70 19.18 14.54
N ARG B 123 -7.95 20.04 13.86
CA ARG B 123 -7.71 19.93 12.44
C ARG B 123 -7.06 18.60 12.06
N GLU B 124 -6.04 18.21 12.83
CA GLU B 124 -5.27 17.00 12.58
C GLU B 124 -6.13 15.74 12.61
N LEU B 125 -7.11 15.69 13.50
CA LEU B 125 -7.95 14.51 13.63
C LEU B 125 -8.84 14.24 12.41
N TYR B 126 -9.26 15.30 11.70
CA TYR B 126 -9.98 15.14 10.43
C TYR B 126 -9.11 14.41 9.39
N PHE B 127 -7.87 14.85 9.27
CA PHE B 127 -6.93 14.22 8.32
C PHE B 127 -6.55 12.79 8.73
N GLU B 128 -6.33 12.56 10.02
CA GLU B 128 -6.08 11.20 10.54
C GLU B 128 -7.24 10.24 10.24
N ASP B 129 -8.46 10.70 10.46
CA ASP B 129 -9.62 9.84 10.21
C ASP B 129 -9.76 9.45 8.71
N VAL B 130 -9.46 10.40 7.82
CA VAL B 130 -9.53 10.15 6.36
C VAL B 130 -8.39 9.23 5.92
N LYS B 131 -7.17 9.50 6.40
CA LYS B 131 -6.04 8.61 6.12
C LYS B 131 -6.35 7.17 6.58
N MET B 132 -6.93 7.05 7.79
CA MET B 132 -7.33 5.74 8.34
C MET B 132 -8.26 4.99 7.41
N GLN B 133 -9.29 5.66 6.91
CA GLN B 133 -10.23 5.04 5.99
C GLN B 133 -9.55 4.55 4.69
N MET B 134 -8.62 5.37 4.16
CA MET B 134 -7.83 5.00 2.98
C MET B 134 -6.96 3.77 3.26
N VAL B 135 -6.38 3.71 4.45
CA VAL B 135 -5.60 2.55 4.87
C VAL B 135 -6.49 1.30 4.92
N CYS B 136 -7.69 1.44 5.50
CA CYS B 136 -8.65 0.32 5.47
C CYS B 136 -9.01 -0.12 4.05
N ARG B 137 -9.12 0.85 3.12
CA ARG B 137 -9.39 0.55 1.71
C ARG B 137 -8.34 -0.39 1.14
N ASP B 138 -7.09 -0.09 1.44
CA ASP B 138 -5.95 -0.96 1.07
C ASP B 138 -6.11 -2.37 1.65
N TRP B 139 -6.50 -2.47 2.92
CA TRP B 139 -6.73 -3.78 3.56
C TRP B 139 -7.87 -4.55 2.88
N GLY B 140 -8.92 -3.82 2.48
CA GLY B 140 -10.02 -4.41 1.73
C GLY B 140 -9.52 -5.06 0.45
N ASN B 141 -8.68 -4.34 -0.28
CA ASN B 141 -8.12 -4.84 -1.54
C ASN B 141 -7.23 -6.06 -1.33
N LYS B 142 -6.43 -6.05 -0.26
CA LYS B 142 -5.60 -7.20 0.13
C LYS B 142 -6.48 -8.41 0.48
N PHE B 143 -7.54 -8.18 1.24
CA PHE B 143 -8.54 -9.21 1.55
C PHE B 143 -9.16 -9.81 0.26
N ASN B 144 -9.66 -8.95 -0.64
CA ASN B 144 -10.26 -9.41 -1.91
C ASN B 144 -9.36 -10.22 -2.85
N GLN B 145 -8.08 -9.88 -2.90
CA GLN B 145 -7.08 -10.66 -3.65
C GLN B 145 -7.05 -12.12 -3.23
N LYS B 146 -7.50 -12.44 -2.02
CA LYS B 146 -7.58 -13.84 -1.60
C LYS B 146 -8.79 -14.55 -2.19
N LYS B 147 -9.64 -13.80 -2.90
CA LYS B 147 -10.86 -14.35 -3.52
C LYS B 147 -11.79 -14.97 -2.48
N PRO B 148 -12.23 -14.18 -1.50
CA PRO B 148 -13.16 -14.73 -0.51
C PRO B 148 -14.53 -14.86 -1.19
N PRO B 149 -15.49 -15.55 -0.55
CA PRO B 149 -16.80 -15.67 -1.22
C PRO B 149 -17.53 -14.32 -1.39
N LYS B 150 -17.32 -13.38 -0.48
CA LYS B 150 -17.82 -12.02 -0.69
C LYS B 150 -16.67 -11.01 -0.58
N LYS B 151 -16.46 -10.27 -1.67
CA LYS B 151 -15.47 -9.19 -1.72
C LYS B 151 -15.97 -8.07 -0.84
N ILE B 152 -15.06 -7.29 -0.27
CA ILE B 152 -15.47 -6.08 0.43
C ILE B 152 -14.92 -4.81 -0.23
N GLU B 153 -15.39 -3.66 0.24
CA GLU B 153 -14.92 -2.38 -0.26
C GLU B 153 -15.20 -1.31 0.77
N PHE B 154 -14.18 -0.52 1.09
CA PHE B 154 -14.37 0.65 1.93
C PHE B 154 -14.53 1.86 1.04
N LEU B 155 -15.47 2.72 1.42
CA LEU B 155 -15.73 3.95 0.69
C LEU B 155 -14.57 4.90 0.83
N MET B 156 -14.35 5.67 -0.23
CA MET B 156 -13.54 6.87 -0.16
C MET B 156 -14.07 7.77 0.94
N SER B 157 -13.18 8.60 1.48
CA SER B 157 -13.56 9.69 2.36
C SER B 157 -12.61 10.86 2.08
N TRP B 158 -13.07 12.08 2.33
CA TRP B 158 -12.25 13.28 2.08
C TRP B 158 -12.48 14.30 3.19
N VAL B 159 -11.50 15.18 3.41
CA VAL B 159 -11.69 16.32 4.29
C VAL B 159 -12.16 17.51 3.43
N VAL B 160 -13.12 18.28 3.94
CA VAL B 160 -13.51 19.51 3.26
C VAL B 160 -13.44 20.66 4.23
N GLU B 161 -12.78 21.74 3.80
CA GLU B 161 -12.80 23.01 4.50
C GLU B 161 -13.88 23.90 3.88
N LEU B 162 -14.91 24.22 4.66
CA LEU B 162 -16.06 24.98 4.18
C LEU B 162 -15.70 26.47 4.26
N ILE B 163 -14.97 26.92 3.23
CA ILE B 163 -14.35 28.24 3.21
C ILE B 163 -15.33 29.41 3.05
N ASP B 164 -16.56 29.13 2.60
CA ASP B 164 -17.61 30.17 2.49
C ASP B 164 -18.27 30.55 3.83
N ARG B 165 -18.19 29.66 4.81
CA ARG B 165 -18.82 29.89 6.12
C ARG B 165 -17.86 30.61 7.04
N SER B 166 -18.39 31.38 7.99
CA SER B 166 -17.53 32.08 8.93
C SER B 166 -16.90 31.12 9.97
N PRO B 167 -15.69 31.46 10.45
CA PRO B 167 -14.96 30.70 11.47
C PRO B 167 -15.73 30.45 12.76
N SER B 168 -15.35 29.40 13.49
CA SER B 168 -15.90 29.10 14.82
C SER B 168 -15.12 29.82 15.92
N ASN B 170 -12.56 30.04 18.32
CA ASN B 170 -12.06 31.34 17.87
C ASN B 170 -11.26 31.23 16.58
N GLY B 171 -11.84 31.77 15.50
CA GLY B 171 -11.14 31.90 14.21
C GLY B 171 -10.81 30.59 13.50
N GLN B 172 -11.41 29.49 13.95
CA GLN B 172 -11.22 28.17 13.32
C GLN B 172 -12.14 27.99 12.10
N PRO B 173 -11.55 27.89 10.88
CA PRO B 173 -12.36 27.62 9.68
C PRO B 173 -13.11 26.28 9.81
N ILE B 174 -14.32 26.20 9.25
CA ILE B 174 -15.20 25.06 9.46
C ILE B 174 -14.76 23.84 8.66
N LEU B 175 -14.43 22.76 9.37
CA LEU B 175 -14.03 21.51 8.74
C LEU B 175 -15.16 20.49 8.80
N CYS B 176 -15.14 19.55 7.86
CA CYS B 176 -16.05 18.41 7.86
C CYS B 176 -15.40 17.25 7.08
N SER B 177 -16.08 16.11 7.03
CA SER B 177 -15.69 15.07 6.06
C SER B 177 -16.87 14.71 5.20
N ILE B 178 -16.57 14.15 4.05
CA ILE B 178 -17.55 13.80 3.06
C ILE B 178 -17.26 12.39 2.56
N GLU B 179 -18.31 11.68 2.16
CA GLU B 179 -18.25 10.26 1.80
C GLU B 179 -19.27 10.05 0.71
N PRO B 180 -19.09 9.01 -0.13
CA PRO B 180 -20.18 8.68 -1.04
C PRO B 180 -21.43 8.23 -0.26
N LEU B 181 -22.59 8.24 -0.91
CA LEU B 181 -23.84 7.87 -0.25
C LEU B 181 -24.07 6.37 -0.32
N LEU B 182 -24.30 5.74 0.82
CA LEU B 182 -24.74 4.34 0.82
C LEU B 182 -26.27 4.26 0.74
N VAL B 183 -26.75 3.50 -0.24
CA VAL B 183 -28.20 3.28 -0.42
C VAL B 183 -28.59 1.90 0.14
N GLY B 184 -29.32 1.86 1.24
CA GLY B 184 -29.79 0.59 1.79
C GLY B 184 -29.78 0.52 3.31
N GLU B 185 -29.86 -0.70 3.85
CA GLU B 185 -29.86 -0.85 5.31
C GLU B 185 -28.44 -0.85 5.88
N PHE B 186 -28.17 0.17 6.69
CA PHE B 186 -26.87 0.41 7.27
C PHE B 186 -26.79 -0.35 8.58
N LYS B 187 -25.80 -1.23 8.67
CA LYS B 187 -25.63 -2.11 9.82
C LYS B 187 -24.21 -2.11 10.35
N LYS B 188 -24.09 -2.06 11.68
CA LYS B 188 -22.81 -2.20 12.33
C LYS B 188 -22.60 -3.68 12.69
N ASN B 189 -21.46 -4.24 12.28
CA ASN B 189 -21.19 -5.68 12.47
C ASN B 189 -20.32 -6.04 13.68
N ASN B 190 -19.32 -5.20 13.95
CA ASN B 190 -18.52 -5.25 15.17
C ASN B 190 -18.16 -3.84 15.64
N SER B 191 -17.78 -3.72 16.91
CA SER B 191 -17.45 -2.42 17.46
C SER B 191 -15.93 -2.34 17.63
N ASN B 192 -15.44 -1.20 18.10
CA ASN B 192 -14.01 -1.07 18.32
C ASN B 192 -13.59 -1.59 19.70
N TYR B 193 -14.46 -2.38 20.34
CA TYR B 193 -14.13 -2.95 21.64
C TYR B 193 -14.85 -4.27 21.96
N GLY B 194 -14.86 -5.18 20.99
CA GLY B 194 -15.20 -6.58 21.25
C GLY B 194 -16.61 -7.04 20.94
N ALA B 195 -17.51 -6.11 20.64
CA ALA B 195 -18.88 -6.48 20.33
C ALA B 195 -18.94 -7.14 18.96
N VAL B 196 -19.72 -8.21 18.88
CA VAL B 196 -20.01 -8.89 17.63
C VAL B 196 -21.51 -8.75 17.49
N LEU B 197 -21.91 -7.88 16.56
CA LEU B 197 -23.26 -7.34 16.54
C LEU B 197 -24.22 -7.97 15.55
N THR B 198 -23.72 -8.65 14.51
CA THR B 198 -24.56 -9.43 13.61
C THR B 198 -23.99 -10.83 13.47
N ASN B 199 -24.69 -11.68 12.71
CA ASN B 199 -24.26 -13.05 12.45
C ASN B 199 -23.46 -13.26 11.17
N ARG B 200 -23.29 -12.20 10.39
CA ARG B 200 -22.52 -12.31 9.14
C ARG B 200 -21.07 -12.77 9.38
N SER B 201 -20.57 -13.62 8.49
CA SER B 201 -19.19 -14.14 8.57
C SER B 201 -18.14 -13.15 8.02
N THR B 202 -18.44 -12.55 6.88
CA THR B 202 -17.43 -11.76 6.15
C THR B 202 -16.79 -10.65 6.99
N PRO B 203 -17.59 -9.82 7.68
CA PRO B 203 -17.04 -8.76 8.54
C PRO B 203 -16.07 -9.24 9.63
N GLN B 204 -16.38 -10.35 10.27
CA GLN B 204 -15.52 -10.86 11.34
C GLN B 204 -14.24 -11.50 10.79
N ALA B 205 -14.38 -12.21 9.70
CA ALA B 205 -13.24 -12.87 9.05
C ALA B 205 -12.28 -11.78 8.52
N PHE B 206 -12.83 -10.70 7.99
CA PHE B 206 -12.01 -9.57 7.59
C PHE B 206 -11.24 -8.98 8.75
N SER B 207 -11.90 -8.69 9.87
CA SER B 207 -11.19 -8.20 11.06
C SER B 207 -10.10 -9.19 11.48
N HIS B 208 -10.45 -10.49 11.49
CA HIS B 208 -9.49 -11.56 11.83
C HIS B 208 -8.28 -11.53 10.85
N PHE B 209 -8.58 -11.50 9.54
CA PHE B 209 -7.57 -11.37 8.49
C PHE B 209 -6.61 -10.23 8.78
N THR B 210 -7.12 -9.05 9.14
CA THR B 210 -6.21 -7.91 9.34
C THR B 210 -5.27 -8.15 10.56
N TYR B 211 -5.82 -8.69 11.63
CA TYR B 211 -5.04 -9.08 12.81
C TYR B 211 -3.86 -10.03 12.45
N GLU B 212 -4.12 -11.11 11.74
CA GLU B 212 -3.07 -12.09 11.41
C GLU B 212 -2.07 -11.58 10.33
N LEU B 213 -2.60 -11.13 9.19
CA LEU B 213 -1.76 -10.73 8.06
C LEU B 213 -0.93 -9.47 8.34
N SER B 214 -1.36 -8.64 9.30
CA SER B 214 -0.54 -7.51 9.73
C SER B 214 0.51 -7.90 10.80
N ASN B 215 0.60 -9.18 11.13
CA ASN B 215 1.46 -9.63 12.25
C ASN B 215 1.06 -8.94 13.56
N LYS B 216 -0.26 -8.76 13.71
CA LYS B 216 -0.87 -8.11 14.89
C LYS B 216 -0.42 -6.67 15.10
N GLN B 217 0.03 -6.03 14.02
CA GLN B 217 0.46 -4.65 14.12
C GLN B 217 -0.69 -3.68 13.86
N MET B 218 -1.75 -4.19 13.26
CA MET B 218 -2.96 -3.39 13.09
C MET B 218 -4.18 -4.26 12.83
N ILE B 219 -5.26 -3.96 13.53
CA ILE B 219 -6.50 -4.67 13.35
C ILE B 219 -7.56 -3.65 12.92
N VAL B 220 -8.39 -4.04 11.96
CA VAL B 220 -9.47 -3.17 11.48
C VAL B 220 -10.80 -3.70 12.02
N VAL B 221 -11.45 -2.88 12.85
CA VAL B 221 -12.76 -3.23 13.43
C VAL B 221 -13.71 -2.06 13.17
N ASP B 222 -14.85 -2.01 13.89
CA ASP B 222 -15.94 -1.09 13.56
C ASP B 222 -16.38 -1.28 12.12
N ILE B 223 -16.57 -2.53 11.72
CA ILE B 223 -16.99 -2.88 10.36
C ILE B 223 -18.50 -2.71 10.18
N GLN B 224 -18.91 -1.80 9.28
CA GLN B 224 -20.33 -1.35 9.16
C GLN B 224 -20.46 -0.59 7.86
N GLY B 225 -21.61 -0.45 7.19
CA GLY B 225 -22.75 -1.34 6.80
C GLY B 225 -22.83 -0.48 5.54
N VAL B 226 -23.31 -0.82 4.35
CA VAL B 226 -24.45 -1.61 3.92
C VAL B 226 -23.96 -2.75 3.03
N ASP B 227 -24.41 -3.97 3.34
CA ASP B 227 -23.86 -5.20 2.74
C ASP B 227 -22.35 -5.20 2.98
N ASP B 228 -21.55 -5.33 1.92
CA ASP B 228 -20.09 -5.27 2.04
C ASP B 228 -19.45 -4.01 1.41
N LEU B 229 -20.18 -2.90 1.48
CA LEU B 229 -19.63 -1.56 1.26
C LEU B 229 -19.57 -0.93 2.62
N TYR B 230 -18.35 -0.73 3.11
CA TYR B 230 -18.13 -0.31 4.49
C TYR B 230 -17.67 1.13 4.56
N THR B 231 -17.95 1.77 5.70
CA THR B 231 -17.45 3.09 5.96
C THR B 231 -17.21 3.26 7.46
N ASP B 232 -16.51 4.33 7.85
CA ASP B 232 -16.24 4.63 9.26
C ASP B 232 -15.63 3.46 10.08
N PRO B 233 -14.58 2.81 9.53
CA PRO B 233 -13.91 1.77 10.32
C PRO B 233 -13.01 2.34 11.40
N GLN B 234 -12.45 1.46 12.21
CA GLN B 234 -11.50 1.87 13.22
C GLN B 234 -10.34 0.92 13.25
N ILE B 235 -9.14 1.47 13.41
CA ILE B 235 -7.91 0.69 13.53
C ILE B 235 -7.32 0.76 14.93
N HIS B 236 -6.95 -0.40 15.49
CA HIS B 236 -6.08 -0.43 16.66
C HIS B 236 -4.66 -0.81 16.28
N THR B 237 -3.69 -0.15 16.88
CA THR B 237 -2.28 -0.56 16.75
C THR B 237 -1.72 -0.74 18.15
N PRO B 238 -0.73 -1.65 18.33
CA PRO B 238 -0.21 -1.95 19.66
C PRO B 238 0.13 -0.71 20.50
N ASP B 239 0.75 0.29 19.90
CA ASP B 239 1.21 1.45 20.64
C ASP B 239 0.17 2.57 20.76
N GLY B 240 -1.01 2.35 20.18
CA GLY B 240 -2.12 3.30 20.29
C GLY B 240 -2.01 4.61 19.53
N LYS B 241 -0.90 4.81 18.83
CA LYS B 241 -0.61 6.09 18.20
C LYS B 241 -1.15 6.24 16.78
N GLY B 242 -1.62 7.44 16.48
CA GLY B 242 -2.33 7.72 15.24
C GLY B 242 -3.70 7.07 15.22
N PHE B 243 -4.33 7.09 14.05
CA PHE B 243 -5.67 6.51 13.81
C PHE B 243 -6.77 7.01 14.77
N GLY B 244 -6.60 8.24 15.24
CA GLY B 244 -7.64 8.94 15.96
C GLY B 244 -7.79 8.50 17.40
N LEU B 245 -8.79 9.10 18.06
CA LEU B 245 -9.10 8.81 19.45
C LEU B 245 -9.71 7.41 19.64
N GLY B 246 -10.22 6.80 18.57
CA GLY B 246 -10.81 5.45 18.64
C GLY B 246 -9.81 4.29 18.68
N ASN B 247 -8.53 4.62 18.50
CA ASN B 247 -7.46 3.61 18.54
C ASN B 247 -7.19 3.22 19.99
N LEU B 248 -7.63 2.02 20.38
CA LEU B 248 -7.54 1.56 21.76
C LEU B 248 -6.39 0.60 22.04
N GLY B 249 -5.41 0.57 21.14
CA GLY B 249 -4.14 -0.10 21.37
C GLY B 249 -4.26 -1.59 21.61
N LYS B 250 -3.40 -2.11 22.50
CA LYS B 250 -3.35 -3.54 22.81
C LYS B 250 -4.66 -4.02 23.38
N ALA B 251 -5.28 -3.19 24.21
CA ALA B 251 -6.57 -3.52 24.80
C ALA B 251 -7.61 -3.78 23.72
N GLY B 252 -7.68 -2.89 22.72
CA GLY B 252 -8.63 -3.05 21.61
C GLY B 252 -8.38 -4.33 20.86
N ILE B 253 -7.10 -4.60 20.60
CA ILE B 253 -6.66 -5.83 19.96
C ILE B 253 -7.09 -7.06 20.78
N ASN B 254 -6.81 -7.02 22.09
CA ASN B 254 -7.18 -8.10 23.02
C ASN B 254 -8.64 -8.43 22.98
N LYS B 255 -9.45 -7.38 23.06
CA LYS B 255 -10.89 -7.48 23.17
C LYS B 255 -11.54 -8.03 21.89
N PHE B 256 -10.95 -7.73 20.72
CA PHE B 256 -11.44 -8.37 19.50
C PHE B 256 -11.11 -9.86 19.52
N ILE B 257 -9.86 -10.19 19.86
CA ILE B 257 -9.34 -11.56 19.95
C ILE B 257 -10.27 -12.50 20.72
N THR B 258 -10.60 -12.11 21.95
CA THR B 258 -11.25 -13.01 22.88
C THR B 258 -12.73 -13.23 22.62
N THR B 259 -13.38 -12.24 22.00
CA THR B 259 -14.78 -12.41 21.64
C THR B 259 -14.94 -13.01 20.23
N HIS B 260 -13.83 -13.12 19.50
CA HIS B 260 -13.86 -13.63 18.13
C HIS B 260 -14.01 -15.14 18.02
N LYS B 261 -14.94 -15.56 17.16
CA LYS B 261 -15.19 -16.97 16.86
C LYS B 261 -15.02 -17.16 15.37
N CYS B 262 -14.09 -18.03 14.96
CA CYS B 262 -13.77 -18.12 13.54
C CYS B 262 -14.88 -18.86 12.78
N ASN B 263 -15.07 -18.50 11.52
CA ASN B 263 -16.19 -19.01 10.73
C ASN B 263 -15.64 -19.63 9.46
N ALA B 264 -16.51 -19.94 8.50
CA ALA B 264 -16.09 -20.58 7.26
C ALA B 264 -15.14 -19.73 6.42
N VAL B 265 -15.37 -18.41 6.40
CA VAL B 265 -14.49 -17.50 5.66
C VAL B 265 -13.09 -17.50 6.30
N CYS B 266 -13.02 -17.46 7.62
CA CYS B 266 -11.74 -17.63 8.33
C CYS B 266 -11.02 -18.89 7.85
N ALA B 267 -11.77 -19.99 7.70
CA ALA B 267 -11.18 -21.27 7.31
C ALA B 267 -10.68 -21.23 5.87
N LEU B 268 -11.51 -20.74 4.95
CA LEU B 268 -11.13 -20.55 3.55
C LEU B 268 -9.84 -19.74 3.40
N LEU B 269 -9.62 -18.80 4.33
CA LEU B 269 -8.44 -17.93 4.31
C LEU B 269 -7.25 -18.49 5.09
N ASP B 270 -7.42 -19.69 5.63
CA ASP B 270 -6.35 -20.40 6.34
C ASP B 270 -5.84 -19.66 7.61
N LEU B 271 -6.73 -18.95 8.30
CA LEU B 271 -6.36 -18.22 9.50
C LEU B 271 -6.34 -19.16 10.71
N ASP B 272 -5.48 -18.86 11.68
CA ASP B 272 -5.41 -19.60 12.93
C ASP B 272 -6.74 -19.65 13.67
N VAL B 273 -7.18 -20.86 13.99
CA VAL B 273 -8.27 -21.03 14.95
C VAL B 273 -7.69 -20.68 16.35
N LYS B 274 -6.61 -19.88 16.35
CA LYS B 274 -6.00 -19.31 17.57
C LYS B 274 -5.96 -17.76 17.49
N LEU B 275 -7.02 -17.07 17.90
CA LEU B 275 -8.15 -17.69 18.59
C LEU B 275 -9.40 -17.81 17.70
N GLY B 276 -9.76 -19.04 17.37
CA GLY B 276 -10.95 -19.33 16.61
C GLY B 276 -12.15 -19.63 17.50
N GLY B 277 -11.92 -19.66 18.81
CA GLY B 277 -12.99 -19.91 19.79
C GLY B 277 -13.24 -21.38 20.00
#